data_7N04
#
_entry.id   7N04
#
_cell.length_a   46.996
_cell.length_b   74.382
_cell.length_c   145.041
_cell.angle_alpha   90.000
_cell.angle_beta   90.000
_cell.angle_gamma   90.000
#
_symmetry.space_group_name_H-M   'P 21 21 21'
#
loop_
_entity.id
_entity.type
_entity.pdbx_description
1 polymer 'Fab F240 heavy chain'
2 polymer 'Fab F240 light chain'
3 non-polymer alpha-D-glucopyranose
4 water water
#
loop_
_entity_poly.entity_id
_entity_poly.type
_entity_poly.pdbx_seq_one_letter_code
_entity_poly.pdbx_strand_id
1 'polypeptide(L)'
;QVQLVQSGGGVVKPGASLRLACSASGFTFTDYYMSWIRQTPGKGLQWLAYITKDGSEKKYADSLQGRFAVSRDNANNLVF
LQLNTVEDDDTGVYYCARDDGYYDRSGYYGVFDLWGQGIRVTVSSASTKGPSVFPLAPSSKSTSGGTAALGCLVKDYFPE
PVTVSWNSGALTSGVHTFPAVLQSSGLYSLSSVVTVPSSSLGTQTYICNVNHKPSNTKVDKKVEPKSCGRLVPRGSHHHH
HHHHHH
;
H
2 'polypeptide(L)'
;EFLLTQSPDSLAVTLGETATITCRSSRNILHSLNNKNYLAWYQQRPGQAPKLLVIWASMRVSGVADRFSGSGSGTDFALT
ISSLQPEDAAVYYCQHYYTTHRTFGQGTRVEIRRTVAAPSVFIFPPSDEQLKSGTASVVCLLNNFYPREAKVQWKVDNAL
QSGNSQESVTEQDSKDSTYSLSSTLTLSKADYEKHKVYACEVTHQGLSSPVTKSFNRGEC
;
L
#
loop_
_chem_comp.id
_chem_comp.type
_chem_comp.name
_chem_comp.formula
GLC D-saccharide, alpha linking alpha-D-glucopyranose 'C6 H12 O6'
#
# COMPACT_ATOMS: atom_id res chain seq x y z
N GLN A 1 16.49 18.86 -7.20
CA GLN A 1 17.21 19.12 -8.48
C GLN A 1 17.24 17.83 -9.30
N VAL A 2 17.84 16.81 -8.71
CA VAL A 2 18.06 15.51 -9.36
C VAL A 2 16.83 14.65 -9.15
N GLN A 3 16.15 14.31 -10.24
CA GLN A 3 14.90 13.61 -10.04
C GLN A 3 14.42 12.97 -11.34
N LEU A 4 13.52 12.03 -11.17
CA LEU A 4 12.78 11.36 -12.22
C LEU A 4 11.30 11.61 -11.98
N VAL A 5 10.60 12.16 -12.97
CA VAL A 5 9.17 12.48 -12.85
C VAL A 5 8.42 11.60 -13.84
N GLN A 6 7.56 10.73 -13.32
CA GLN A 6 6.86 9.73 -14.11
C GLN A 6 5.47 10.24 -14.46
N SER A 7 4.95 9.75 -15.59
CA SER A 7 3.62 10.09 -16.05
C SER A 7 3.07 8.92 -16.85
N GLY A 8 1.84 9.05 -17.31
CA GLY A 8 1.20 7.96 -18.03
C GLY A 8 0.63 6.90 -17.10
N GLY A 9 0.54 5.68 -17.61
CA GLY A 9 -0.07 4.59 -16.86
C GLY A 9 -1.56 4.82 -16.64
N GLY A 10 -2.06 4.27 -15.53
CA GLY A 10 -3.46 4.37 -15.18
C GLY A 10 -4.19 3.08 -15.52
N VAL A 11 -5.47 3.18 -15.88
CA VAL A 11 -6.28 2.02 -16.22
C VAL A 11 -6.02 1.60 -17.65
N VAL A 12 -6.01 0.29 -17.88
CA VAL A 12 -5.89 -0.30 -19.21
C VAL A 12 -6.73 -1.57 -19.23
N LYS A 13 -7.48 -1.76 -20.31
CA LYS A 13 -8.28 -2.97 -20.44
C LYS A 13 -7.38 -4.16 -20.71
N PRO A 14 -7.77 -5.34 -20.25
CA PRO A 14 -7.05 -6.56 -20.61
C PRO A 14 -6.82 -6.68 -22.11
N GLY A 15 -5.58 -7.04 -22.47
CA GLY A 15 -5.24 -7.23 -23.87
C GLY A 15 -4.90 -5.96 -24.62
N ALA A 16 -5.08 -4.79 -24.01
CA ALA A 16 -4.80 -3.51 -24.63
C ALA A 16 -3.36 -3.09 -24.33
N SER A 17 -2.99 -1.87 -24.74
CA SER A 17 -1.64 -1.33 -24.58
C SER A 17 -1.65 -0.07 -23.74
N LEU A 18 -0.52 0.20 -23.08
CA LEU A 18 -0.38 1.36 -22.22
C LEU A 18 1.06 1.88 -22.31
N ARG A 19 1.22 3.20 -22.30
CA ARG A 19 2.54 3.82 -22.33
CA ARG A 19 2.53 3.84 -22.34
C ARG A 19 2.83 4.50 -21.00
N LEU A 20 4.04 4.30 -20.51
CA LEU A 20 4.55 4.96 -19.33
C LEU A 20 5.74 5.83 -19.73
N ALA A 21 5.91 6.97 -19.06
CA ALA A 21 7.05 7.83 -19.39
C ALA A 21 7.68 8.34 -18.11
N CYS A 22 8.92 8.80 -18.26
CA CYS A 22 9.76 9.23 -17.16
C CYS A 22 10.62 10.38 -17.66
N SER A 23 10.61 11.48 -16.93
CA SER A 23 11.37 12.67 -17.29
C SER A 23 12.50 12.88 -16.31
N ALA A 24 13.72 13.03 -16.82
CA ALA A 24 14.92 13.17 -15.99
C ALA A 24 15.35 14.62 -15.91
N SER A 25 15.82 15.03 -14.74
CA SER A 25 16.37 16.37 -14.56
C SER A 25 17.47 16.30 -13.52
N GLY A 26 18.40 17.26 -13.61
CA GLY A 26 19.42 17.42 -12.61
C GLY A 26 20.65 16.58 -12.81
N PHE A 27 20.68 15.73 -13.83
CA PHE A 27 21.88 14.99 -14.13
C PHE A 27 21.99 14.79 -15.64
N THR A 28 23.16 14.32 -16.06
CA THR A 28 23.47 14.10 -17.47
C THR A 28 22.82 12.79 -17.91
N PHE A 29 21.64 12.91 -18.51
CA PHE A 29 20.82 11.75 -18.88
C PHE A 29 21.58 10.73 -19.71
N THR A 30 22.38 11.19 -20.67
CA THR A 30 23.04 10.26 -21.58
C THR A 30 24.25 9.56 -20.97
N ASP A 31 24.56 9.79 -19.71
CA ASP A 31 25.63 9.06 -19.03
C ASP A 31 25.13 7.78 -18.34
N TYR A 32 23.84 7.48 -18.41
CA TYR A 32 23.29 6.41 -17.62
C TYR A 32 22.41 5.49 -18.44
N TYR A 33 22.51 4.19 -18.16
CA TYR A 33 21.44 3.27 -18.48
C TYR A 33 20.21 3.68 -17.68
N MET A 34 19.03 3.33 -18.20
CA MET A 34 17.77 3.49 -17.48
C MET A 34 17.07 2.15 -17.41
N SER A 35 16.41 1.88 -16.28
CA SER A 35 15.65 0.64 -16.15
C SER A 35 14.22 0.94 -15.72
N TRP A 36 13.37 -0.06 -15.94
CA TRP A 36 12.01 -0.09 -15.39
C TRP A 36 11.88 -1.29 -14.46
N ILE A 37 11.19 -1.06 -13.34
CA ILE A 37 10.99 -2.05 -12.29
C ILE A 37 9.54 -1.91 -11.83
N ARG A 38 8.88 -3.01 -11.57
CA ARG A 38 7.52 -2.91 -11.04
C ARG A 38 7.41 -3.65 -9.72
N GLN A 39 6.33 -3.34 -9.01
CA GLN A 39 5.95 -4.02 -7.77
C GLN A 39 4.50 -4.46 -7.87
N THR A 40 4.30 -5.78 -7.81
CA THR A 40 2.97 -6.37 -7.92
C THR A 40 2.74 -7.30 -6.74
N PRO A 41 1.47 -7.55 -6.39
CA PRO A 41 1.20 -8.50 -5.29
C PRO A 41 1.79 -9.88 -5.48
N GLY A 42 1.70 -10.42 -6.69
CA GLY A 42 2.09 -11.79 -6.91
C GLY A 42 3.57 -12.02 -7.10
N LYS A 43 4.27 -11.02 -7.63
CA LYS A 43 5.66 -11.21 -8.00
C LYS A 43 6.62 -10.28 -7.27
N GLY A 44 6.13 -9.46 -6.34
CA GLY A 44 6.99 -8.58 -5.58
C GLY A 44 7.68 -7.55 -6.46
N LEU A 45 8.90 -7.19 -6.06
CA LEU A 45 9.68 -6.23 -6.81
C LEU A 45 10.40 -6.94 -7.95
N GLN A 46 10.22 -6.47 -9.18
CA GLN A 46 10.64 -7.20 -10.38
C GLN A 46 11.27 -6.24 -11.37
N TRP A 47 12.56 -6.42 -11.67
CA TRP A 47 13.17 -5.70 -12.76
C TRP A 47 12.59 -6.15 -14.10
N LEU A 48 12.30 -5.18 -14.98
CA LEU A 48 11.62 -5.45 -16.22
C LEU A 48 12.48 -5.25 -17.45
N ALA A 49 13.27 -4.17 -17.48
CA ALA A 49 13.96 -3.79 -18.69
C ALA A 49 15.03 -2.76 -18.38
N TYR A 50 16.08 -2.77 -19.19
CA TYR A 50 17.00 -1.64 -19.20
C TYR A 50 17.22 -1.22 -20.65
N ILE A 51 17.81 -0.04 -20.78
CA ILE A 51 18.14 0.51 -22.09
C ILE A 51 19.45 1.27 -21.94
N THR A 52 20.34 1.09 -22.91
CA THR A 52 21.68 1.63 -22.82
C THR A 52 21.66 3.14 -23.00
N LYS A 53 22.82 3.77 -22.75
CA LYS A 53 22.95 5.22 -22.77
C LYS A 53 22.44 5.83 -24.07
N ASP A 54 22.87 5.30 -25.22
CA ASP A 54 22.47 5.83 -26.51
C ASP A 54 21.16 5.25 -27.04
N GLY A 55 20.53 4.33 -26.32
CA GLY A 55 19.23 3.80 -26.71
C GLY A 55 19.27 2.68 -27.71
N SER A 56 20.46 2.22 -28.12
CA SER A 56 20.54 1.27 -29.21
C SER A 56 20.38 -0.18 -28.78
N GLU A 57 20.53 -0.48 -27.49
CA GLU A 57 20.44 -1.86 -27.02
C GLU A 57 19.47 -1.91 -25.85
N LYS A 58 18.65 -2.97 -25.83
CA LYS A 58 17.61 -3.14 -24.82
C LYS A 58 17.65 -4.57 -24.30
N LYS A 59 17.34 -4.73 -23.01
CA LYS A 59 17.31 -6.06 -22.42
C LYS A 59 16.08 -6.17 -21.55
N TYR A 60 15.41 -7.32 -21.64
CA TYR A 60 14.12 -7.51 -20.95
C TYR A 60 14.15 -8.77 -20.11
N ALA A 61 13.33 -8.77 -19.05
CA ALA A 61 12.98 -10.01 -18.37
C ALA A 61 12.25 -10.94 -19.33
N ASP A 62 12.78 -12.16 -19.50
CA ASP A 62 12.16 -13.10 -20.42
C ASP A 62 10.76 -13.52 -19.96
N SER A 63 10.47 -13.42 -18.66
CA SER A 63 9.13 -13.78 -18.20
C SER A 63 8.07 -12.90 -18.82
N LEU A 64 8.44 -11.71 -19.34
CA LEU A 64 7.49 -10.84 -20.01
C LEU A 64 7.14 -11.30 -21.42
N GLN A 65 7.84 -12.31 -21.97
CA GLN A 65 7.53 -12.88 -23.27
C GLN A 65 7.51 -11.83 -24.38
N GLY A 66 8.37 -10.83 -24.29
CA GLY A 66 8.48 -9.83 -25.33
C GLY A 66 7.36 -8.80 -25.33
N ARG A 67 6.50 -8.79 -24.33
CA ARG A 67 5.32 -7.96 -24.41
C ARG A 67 5.61 -6.49 -24.10
N PHE A 68 6.76 -6.19 -23.48
CA PHE A 68 7.08 -4.83 -23.06
C PHE A 68 8.18 -4.31 -23.98
N ALA A 69 8.26 -2.98 -24.11
CA ALA A 69 9.26 -2.37 -24.99
C ALA A 69 9.72 -1.05 -24.39
N VAL A 70 11.03 -0.88 -24.25
CA VAL A 70 11.59 0.32 -23.66
C VAL A 70 12.26 1.12 -24.75
N SER A 71 12.21 2.44 -24.61
CA SER A 71 12.85 3.35 -25.55
C SER A 71 13.24 4.62 -24.81
N ARG A 72 14.12 5.40 -25.44
CA ARG A 72 14.49 6.66 -24.82
C ARG A 72 14.70 7.73 -25.90
N ASP A 73 14.44 8.98 -25.50
CA ASP A 73 14.58 10.16 -26.34
C ASP A 73 15.59 11.06 -25.61
N ASN A 74 16.86 10.91 -25.95
CA ASN A 74 17.89 11.60 -25.18
C ASN A 74 17.81 13.10 -25.36
N ALA A 75 17.43 13.57 -26.54
CA ALA A 75 17.30 14.99 -26.77
C ALA A 75 16.32 15.65 -25.82
N ASN A 76 15.36 14.89 -25.28
CA ASN A 76 14.35 15.47 -24.42
C ASN A 76 14.33 14.87 -23.02
N ASN A 77 15.36 14.10 -22.65
CA ASN A 77 15.51 13.57 -21.30
C ASN A 77 14.30 12.72 -20.89
N LEU A 78 13.83 11.89 -21.81
CA LEU A 78 12.67 11.04 -21.58
C LEU A 78 13.04 9.58 -21.78
N VAL A 79 12.45 8.70 -20.99
CA VAL A 79 12.49 7.27 -21.24
C VAL A 79 11.05 6.76 -21.17
N PHE A 80 10.78 5.71 -21.91
CA PHE A 80 9.42 5.19 -22.06
C PHE A 80 9.39 3.69 -21.83
N LEU A 81 8.24 3.21 -21.40
CA LEU A 81 7.94 1.79 -21.37
C LEU A 81 6.53 1.63 -21.94
N GLN A 82 6.42 0.80 -22.97
CA GLN A 82 5.14 0.45 -23.58
C GLN A 82 4.78 -0.97 -23.16
N LEU A 83 3.61 -1.13 -22.51
CA LEU A 83 3.08 -2.43 -22.15
C LEU A 83 2.11 -2.89 -23.23
N ASN A 84 2.25 -4.15 -23.67
CA ASN A 84 1.37 -4.72 -24.70
C ASN A 84 0.67 -5.95 -24.17
N THR A 85 -0.50 -6.23 -24.75
CA THR A 85 -1.23 -7.43 -24.41
C THR A 85 -1.29 -7.59 -22.90
N VAL A 86 -1.67 -6.51 -22.20
CA VAL A 86 -1.59 -6.55 -20.75
C VAL A 86 -2.49 -7.65 -20.22
N GLU A 87 -2.09 -8.20 -19.08
CA GLU A 87 -2.84 -9.24 -18.43
C GLU A 87 -3.01 -8.83 -16.96
N ASP A 88 -3.87 -9.55 -16.25
CA ASP A 88 -4.17 -9.15 -14.88
C ASP A 88 -2.93 -9.11 -14.01
N ASP A 89 -1.98 -10.03 -14.22
CA ASP A 89 -0.73 -10.05 -13.45
C ASP A 89 0.13 -8.79 -13.66
N ASP A 90 -0.16 -7.95 -14.64
CA ASP A 90 0.56 -6.73 -14.84
C ASP A 90 0.10 -5.60 -13.93
N THR A 91 -1.03 -5.74 -13.23
CA THR A 91 -1.45 -4.71 -12.30
C THR A 91 -0.43 -4.50 -11.20
N GLY A 92 -0.04 -3.24 -10.97
CA GLY A 92 0.91 -2.93 -9.90
C GLY A 92 1.42 -1.51 -10.03
N VAL A 93 2.55 -1.25 -9.38
CA VAL A 93 3.21 0.06 -9.37
C VAL A 93 4.48 -0.07 -10.18
N TYR A 94 4.65 0.82 -11.16
CA TYR A 94 5.78 0.78 -12.08
C TYR A 94 6.69 1.96 -11.81
N TYR A 95 8.00 1.69 -11.74
CA TYR A 95 9.04 2.68 -11.46
C TYR A 95 10.03 2.74 -12.60
N CYS A 96 10.38 3.93 -13.06
CA CYS A 96 11.61 4.15 -13.81
C CYS A 96 12.74 4.35 -12.79
N ALA A 97 13.94 3.88 -13.15
CA ALA A 97 15.08 4.04 -12.28
C ALA A 97 16.36 4.28 -13.06
N ARG A 98 17.17 5.21 -12.55
CA ARG A 98 18.54 5.35 -13.03
C ARG A 98 19.34 4.10 -12.65
N ASP A 99 20.10 3.60 -13.61
CA ASP A 99 20.76 2.29 -13.53
C ASP A 99 22.26 2.56 -13.54
N ASP A 100 22.89 2.43 -12.37
CA ASP A 100 24.28 2.82 -12.13
C ASP A 100 25.11 1.54 -12.16
N GLY A 101 25.95 1.38 -13.17
CA GLY A 101 26.65 0.12 -13.31
C GLY A 101 27.74 0.19 -14.34
N TYR A 102 28.08 -0.98 -14.87
CA TYR A 102 29.20 -1.13 -15.80
C TYR A 102 28.99 -2.37 -16.66
N TYR A 103 29.78 -2.47 -17.74
CA TYR A 103 29.68 -3.54 -18.73
C TYR A 103 31.02 -4.25 -18.79
N ASP A 104 30.98 -5.57 -18.96
CA ASP A 104 32.19 -6.33 -19.24
C ASP A 104 31.87 -7.35 -20.33
N ARG A 105 32.78 -8.30 -20.55
CA ARG A 105 32.54 -9.30 -21.58
C ARG A 105 31.29 -10.11 -21.27
N SER A 106 30.96 -10.29 -19.98
CA SER A 106 29.88 -11.19 -19.59
C SER A 106 28.51 -10.52 -19.52
N GLY A 107 28.44 -9.20 -19.40
CA GLY A 107 27.15 -8.53 -19.40
C GLY A 107 27.19 -7.21 -18.65
N TYR A 108 26.00 -6.72 -18.28
CA TYR A 108 25.86 -5.46 -17.59
C TYR A 108 25.48 -5.70 -16.13
N TYR A 109 26.09 -4.92 -15.24
CA TYR A 109 25.91 -5.09 -13.80
C TYR A 109 25.66 -3.73 -13.16
N GLY A 110 24.60 -3.64 -12.36
CA GLY A 110 24.26 -2.33 -11.86
C GLY A 110 23.27 -2.36 -10.73
N VAL A 111 23.15 -1.22 -10.09
CA VAL A 111 22.19 -0.97 -9.02
C VAL A 111 21.29 0.18 -9.46
N PHE A 112 20.20 0.42 -8.70
CA PHE A 112 19.23 1.41 -9.09
C PHE A 112 19.33 2.53 -8.07
N ASP A 113 20.01 3.61 -8.43
CA ASP A 113 20.41 4.62 -7.44
C ASP A 113 19.53 5.87 -7.41
N LEU A 114 18.51 5.93 -8.28
CA LEU A 114 17.56 7.03 -8.35
C LEU A 114 16.28 6.52 -8.96
N TRP A 115 15.13 6.81 -8.33
CA TRP A 115 13.86 6.24 -8.76
C TRP A 115 12.79 7.31 -8.92
N GLY A 116 11.88 7.10 -9.89
CA GLY A 116 10.71 7.93 -10.00
C GLY A 116 9.74 7.63 -8.88
N GLN A 117 8.67 8.44 -8.83
CA GLN A 117 7.69 8.33 -7.74
C GLN A 117 6.79 7.11 -7.85
N GLY A 118 6.77 6.43 -9.01
CA GLY A 118 5.88 5.31 -9.21
C GLY A 118 4.57 5.72 -9.84
N ILE A 119 4.08 4.91 -10.78
CA ILE A 119 2.77 5.09 -11.40
C ILE A 119 1.98 3.79 -11.24
N ARG A 120 0.73 3.91 -10.83
CA ARG A 120 -0.14 2.75 -10.72
C ARG A 120 -0.66 2.34 -12.07
N VAL A 121 -0.55 1.06 -12.38
CA VAL A 121 -1.16 0.46 -13.57
C VAL A 121 -2.22 -0.52 -13.10
N THR A 122 -3.44 -0.34 -13.59
CA THR A 122 -4.59 -1.15 -13.22
C THR A 122 -5.18 -1.78 -14.46
N VAL A 123 -5.08 -3.10 -14.55
CA VAL A 123 -5.64 -3.84 -15.67
C VAL A 123 -7.05 -4.27 -15.26
N SER A 124 -8.03 -3.77 -15.97
CA SER A 124 -9.41 -4.04 -15.56
C SER A 124 -10.35 -3.65 -16.67
N SER A 125 -11.46 -4.41 -16.78
CA SER A 125 -12.54 -4.10 -17.72
C SER A 125 -13.58 -3.16 -17.14
N ALA A 126 -13.45 -2.75 -15.88
CA ALA A 126 -14.47 -1.96 -15.23
C ALA A 126 -14.59 -0.58 -15.87
N SER A 127 -15.81 -0.08 -15.88
CA SER A 127 -16.10 1.26 -16.38
C SER A 127 -15.94 2.27 -15.25
N THR A 128 -15.48 3.47 -15.61
CA THR A 128 -15.37 4.54 -14.61
C THR A 128 -16.72 4.78 -13.93
N LYS A 129 -16.69 4.91 -12.62
CA LYS A 129 -17.90 5.04 -11.83
C LYS A 129 -17.58 5.78 -10.54
N GLY A 130 -18.41 6.77 -10.25
CA GLY A 130 -18.28 7.55 -9.03
C GLY A 130 -18.84 6.81 -7.82
N PRO A 131 -18.33 7.13 -6.64
CA PRO A 131 -18.79 6.45 -5.42
C PRO A 131 -20.15 6.92 -4.94
N SER A 132 -20.84 6.02 -4.25
CA SER A 132 -21.93 6.37 -3.35
C SER A 132 -21.33 6.64 -1.96
N VAL A 133 -21.81 7.68 -1.29
CA VAL A 133 -21.21 8.05 0.00
C VAL A 133 -22.31 7.96 1.05
N PHE A 134 -22.08 7.12 2.05
CA PHE A 134 -23.09 6.86 3.08
C PHE A 134 -22.55 7.24 4.43
N PRO A 135 -23.38 7.81 5.31
CA PRO A 135 -22.89 8.12 6.66
C PRO A 135 -22.71 6.86 7.51
N LEU A 136 -21.72 6.94 8.39
CA LEU A 136 -21.54 6.01 9.50
C LEU A 136 -21.86 6.85 10.73
N ALA A 137 -23.12 6.82 11.16
CA ALA A 137 -23.58 7.83 12.13
C ALA A 137 -23.09 7.47 13.55
N PRO A 138 -22.74 8.46 14.35
CA PRO A 138 -22.23 8.15 15.70
C PRO A 138 -23.32 7.56 16.58
N SER A 139 -22.89 6.70 17.50
CA SER A 139 -23.65 6.27 18.67
C SER A 139 -25.12 6.04 18.47
N GLY A 146 -15.95 8.75 26.84
CA GLY A 146 -16.32 10.07 26.36
C GLY A 146 -15.94 10.36 24.92
N THR A 147 -15.67 9.29 24.18
CA THR A 147 -15.25 9.38 22.77
C THR A 147 -16.28 8.70 21.89
N ALA A 148 -16.66 9.38 20.80
CA ALA A 148 -17.57 8.83 19.81
C ALA A 148 -16.85 8.64 18.47
N ALA A 149 -17.27 7.64 17.72
CA ALA A 149 -16.74 7.41 16.38
C ALA A 149 -17.81 7.66 15.34
N LEU A 150 -17.41 8.23 14.21
CA LEU A 150 -18.31 8.42 13.07
C LEU A 150 -17.48 8.33 11.81
N GLY A 151 -18.17 8.29 10.67
CA GLY A 151 -17.41 8.11 9.44
C GLY A 151 -18.28 8.24 8.23
N CYS A 152 -17.68 7.91 7.09
CA CYS A 152 -18.36 7.88 5.81
C CYS A 152 -17.92 6.60 5.13
N LEU A 153 -18.88 5.90 4.53
CA LEU A 153 -18.60 4.73 3.70
C LEU A 153 -18.61 5.18 2.24
N VAL A 154 -17.50 4.96 1.55
CA VAL A 154 -17.33 5.43 0.18
C VAL A 154 -17.31 4.19 -0.72
N LYS A 155 -18.44 3.90 -1.34
CA LYS A 155 -18.69 2.56 -1.88
C LYS A 155 -18.88 2.58 -3.39
N ASP A 156 -18.28 1.58 -4.05
CA ASP A 156 -18.59 1.22 -5.42
C ASP A 156 -18.10 2.23 -6.44
N TYR A 157 -16.80 2.47 -6.44
CA TYR A 157 -16.20 3.39 -7.40
C TYR A 157 -15.07 2.70 -8.15
N PHE A 158 -14.73 3.28 -9.30
CA PHE A 158 -13.65 2.83 -10.16
C PHE A 158 -13.19 3.98 -11.04
N PRO A 159 -11.88 4.14 -11.25
CA PRO A 159 -10.74 3.46 -10.63
C PRO A 159 -10.29 4.17 -9.36
N GLU A 160 -9.22 3.69 -8.74
CA GLU A 160 -8.55 4.45 -7.70
C GLU A 160 -7.96 5.70 -8.33
N PRO A 161 -7.77 6.79 -7.54
CA PRO A 161 -8.00 6.95 -6.10
C PRO A 161 -9.20 7.81 -5.80
N VAL A 162 -9.65 7.75 -4.54
CA VAL A 162 -10.54 8.76 -3.97
CA VAL A 162 -10.53 8.76 -3.97
C VAL A 162 -9.75 9.50 -2.90
N THR A 163 -10.12 10.75 -2.66
CA THR A 163 -9.59 11.50 -1.53
C THR A 163 -10.74 11.80 -0.59
N VAL A 164 -10.48 11.72 0.71
CA VAL A 164 -11.46 12.05 1.73
C VAL A 164 -10.83 13.05 2.69
N SER A 165 -11.55 14.13 2.97
CA SER A 165 -11.19 15.06 4.03
C SER A 165 -12.41 15.21 4.92
N TRP A 166 -12.19 15.76 6.10
CA TRP A 166 -13.27 16.06 7.04
C TRP A 166 -13.33 17.55 7.28
N ASN A 167 -14.54 18.11 7.23
CA ASN A 167 -14.74 19.52 7.46
C ASN A 167 -13.77 20.37 6.64
N SER A 168 -13.68 20.03 5.36
CA SER A 168 -12.88 20.74 4.37
C SER A 168 -11.40 20.76 4.73
N GLY A 169 -10.95 19.82 5.54
CA GLY A 169 -9.59 19.85 6.04
C GLY A 169 -9.39 20.45 7.41
N ALA A 170 -10.41 21.07 8.00
CA ALA A 170 -10.30 21.61 9.34
C ALA A 170 -10.20 20.51 10.40
N LEU A 171 -10.68 19.30 10.11
CA LEU A 171 -10.64 18.18 11.06
C LEU A 171 -9.66 17.14 10.49
N THR A 172 -8.52 17.00 11.18
CA THR A 172 -7.55 15.97 10.83
C THR A 172 -7.20 15.03 11.98
N SER A 173 -7.22 15.52 13.23
CA SER A 173 -6.90 14.70 14.38
C SER A 173 -7.92 13.55 14.55
N GLY A 174 -7.42 12.33 14.75
CA GLY A 174 -8.27 11.17 14.94
C GLY A 174 -8.84 10.58 13.68
N VAL A 175 -8.48 11.09 12.49
CA VAL A 175 -9.05 10.59 11.24
C VAL A 175 -8.27 9.36 10.79
N HIS A 176 -8.97 8.32 10.37
CA HIS A 176 -8.35 7.15 9.72
C HIS A 176 -9.11 6.89 8.43
N THR A 177 -8.45 7.05 7.29
CA THR A 177 -9.04 6.73 6.01
C THR A 177 -8.38 5.43 5.55
N PHE A 178 -9.17 4.39 5.45
CA PHE A 178 -8.67 3.05 5.21
C PHE A 178 -8.28 2.87 3.75
N PRO A 179 -7.29 2.03 3.51
CA PRO A 179 -7.01 1.63 2.13
C PRO A 179 -8.24 1.01 1.48
N ALA A 180 -8.43 1.31 0.21
CA ALA A 180 -9.52 0.73 -0.53
C ALA A 180 -9.35 -0.78 -0.66
N VAL A 181 -10.48 -1.47 -0.71
CA VAL A 181 -10.54 -2.88 -1.04
CA VAL A 181 -10.54 -2.89 -1.03
C VAL A 181 -11.26 -3.03 -2.36
N LEU A 182 -10.78 -3.96 -3.18
CA LEU A 182 -11.45 -4.29 -4.42
C LEU A 182 -12.53 -5.34 -4.14
N GLN A 183 -13.76 -5.02 -4.51
CA GLN A 183 -14.87 -5.95 -4.36
C GLN A 183 -15.00 -6.91 -5.55
N SER A 184 -15.75 -8.00 -5.34
CA SER A 184 -15.90 -8.97 -6.42
C SER A 184 -16.55 -8.36 -7.65
N SER A 185 -17.27 -7.24 -7.52
CA SER A 185 -17.84 -6.54 -8.67
C SER A 185 -16.81 -5.82 -9.53
N GLY A 186 -15.57 -5.73 -9.08
CA GLY A 186 -14.58 -4.96 -9.77
C GLY A 186 -14.55 -3.51 -9.39
N LEU A 187 -15.38 -3.11 -8.45
CA LEU A 187 -15.41 -1.78 -7.88
C LEU A 187 -14.74 -1.73 -6.52
N TYR A 188 -14.22 -0.56 -6.18
CA TYR A 188 -13.54 -0.34 -4.91
C TYR A 188 -14.52 0.17 -3.86
N SER A 189 -14.14 -0.01 -2.62
CA SER A 189 -14.86 0.58 -1.48
C SER A 189 -13.86 0.94 -0.40
N LEU A 190 -14.17 2.00 0.36
CA LEU A 190 -13.41 2.28 1.57
C LEU A 190 -14.29 3.03 2.55
N SER A 191 -13.86 3.05 3.80
CA SER A 191 -14.44 3.94 4.78
C SER A 191 -13.38 4.92 5.30
N SER A 192 -13.86 6.08 5.77
CA SER A 192 -13.06 7.03 6.51
C SER A 192 -13.76 7.27 7.84
N VAL A 193 -13.03 7.18 8.95
CA VAL A 193 -13.64 7.34 10.26
C VAL A 193 -12.88 8.42 11.02
N VAL A 194 -13.51 8.93 12.06
CA VAL A 194 -12.85 9.89 12.93
C VAL A 194 -13.45 9.67 14.30
N THR A 195 -12.64 9.80 15.33
CA THR A 195 -13.15 9.82 16.68
C THR A 195 -13.14 11.24 17.23
N VAL A 196 -14.19 11.59 17.96
CA VAL A 196 -14.39 12.95 18.45
C VAL A 196 -15.03 12.87 19.82
N PRO A 197 -14.97 13.96 20.59
CA PRO A 197 -15.65 13.98 21.88
C PRO A 197 -17.15 13.78 21.71
N SER A 198 -17.73 12.91 22.56
CA SER A 198 -19.19 12.77 22.60
C SER A 198 -19.86 14.11 22.87
N SER A 199 -19.25 14.96 23.70
CA SER A 199 -19.85 16.25 24.03
C SER A 199 -20.01 17.16 22.81
N SER A 200 -19.31 16.86 21.71
CA SER A 200 -19.40 17.70 20.52
C SER A 200 -20.52 17.29 19.57
N LEU A 201 -21.10 16.10 19.73
CA LEU A 201 -22.16 15.67 18.84
C LEU A 201 -23.38 16.57 19.00
N GLY A 202 -23.90 17.05 17.87
CA GLY A 202 -25.07 17.90 17.87
C GLY A 202 -24.76 19.38 17.81
N THR A 203 -23.61 19.79 18.35
CA THR A 203 -23.16 21.17 18.28
C THR A 203 -22.11 21.39 17.19
N GLN A 204 -21.15 20.48 17.07
CA GLN A 204 -20.17 20.52 16.00
C GLN A 204 -20.69 19.74 14.79
N THR A 205 -20.59 20.36 13.62
CA THR A 205 -20.94 19.72 12.34
C THR A 205 -19.79 18.86 11.85
N TYR A 206 -20.10 17.66 11.35
CA TYR A 206 -19.10 16.79 10.74
C TYR A 206 -19.53 16.45 9.31
N ILE A 207 -18.67 16.78 8.34
CA ILE A 207 -18.95 16.61 6.92
C ILE A 207 -17.75 15.91 6.30
N CYS A 208 -17.97 14.79 5.64
CA CYS A 208 -16.85 14.17 4.89
C CYS A 208 -16.89 14.69 3.46
N ASN A 209 -15.74 15.10 2.95
CA ASN A 209 -15.64 15.65 1.61
C ASN A 209 -14.93 14.60 0.77
N VAL A 210 -15.64 14.04 -0.20
CA VAL A 210 -15.16 12.94 -1.03
C VAL A 210 -14.98 13.44 -2.44
N ASN A 211 -13.82 13.19 -3.02
CA ASN A 211 -13.54 13.66 -4.37
C ASN A 211 -13.02 12.46 -5.14
N HIS A 212 -13.64 12.18 -6.28
CA HIS A 212 -13.26 11.08 -7.17
C HIS A 212 -13.04 11.73 -8.53
N LYS A 213 -11.81 12.16 -8.80
CA LYS A 213 -11.55 12.95 -9.99
C LYS A 213 -11.87 12.18 -11.26
N PRO A 214 -11.61 10.88 -11.36
CA PRO A 214 -11.82 10.20 -12.66
C PRO A 214 -13.25 10.28 -13.12
N SER A 215 -14.23 10.28 -12.20
CA SER A 215 -15.62 10.43 -12.57
C SER A 215 -16.17 11.84 -12.37
N ASN A 216 -15.33 12.80 -12.01
CA ASN A 216 -15.77 14.19 -11.81
C ASN A 216 -16.76 14.30 -10.68
N THR A 217 -16.62 13.44 -9.68
CA THR A 217 -17.55 13.36 -8.56
C THR A 217 -16.98 14.09 -7.35
N LYS A 218 -17.79 14.96 -6.75
CA LYS A 218 -17.47 15.67 -5.52
C LYS A 218 -18.71 15.60 -4.64
N VAL A 219 -18.59 14.97 -3.47
CA VAL A 219 -19.71 14.81 -2.54
C VAL A 219 -19.30 15.38 -1.19
N ASP A 220 -20.19 16.19 -0.57
CA ASP A 220 -20.00 16.66 0.80
C ASP A 220 -21.16 16.09 1.63
N LYS A 221 -20.87 15.12 2.48
CA LYS A 221 -21.91 14.38 3.21
C LYS A 221 -21.89 14.73 4.69
N LYS A 222 -22.96 15.33 5.18
CA LYS A 222 -23.08 15.60 6.61
C LYS A 222 -23.37 14.31 7.35
N VAL A 223 -22.63 14.07 8.43
CA VAL A 223 -22.78 12.86 9.25
C VAL A 223 -23.37 13.30 10.56
N GLU A 224 -24.60 12.90 10.82
CA GLU A 224 -25.33 13.39 11.98
C GLU A 224 -25.61 12.26 12.95
N PRO A 225 -25.67 12.54 14.25
CA PRO A 225 -26.04 11.48 15.19
C PRO A 225 -27.43 10.94 14.87
N LYS A 226 -27.58 9.62 14.98
CA LYS A 226 -28.84 8.98 14.63
C LYS A 226 -29.91 9.39 15.64
N SER A 227 -31.09 9.74 15.14
CA SER A 227 -32.19 10.17 15.98
C SER A 227 -33.12 9.00 16.28
N CYS A 228 -33.63 8.95 17.51
CA CYS A 228 -34.40 7.82 17.98
C CYS A 228 -35.87 8.12 18.25
N GLY A 229 -36.30 9.38 18.09
CA GLY A 229 -37.64 9.76 18.43
C GLY A 229 -38.57 9.90 17.22
N ARG A 230 -39.80 10.30 17.51
CA ARG A 230 -40.75 10.64 16.46
C ARG A 230 -40.65 12.09 16.02
N LEU A 231 -39.78 12.89 16.65
CA LEU A 231 -39.72 14.34 16.39
C LEU A 231 -38.78 14.64 15.23
N VAL A 232 -37.47 14.51 15.45
CA VAL A 232 -36.46 14.78 14.44
C VAL A 232 -36.74 16.06 13.68
N LEU B 3 17.84 -16.73 -6.72
CA LEU B 3 16.81 -16.59 -5.71
C LEU B 3 17.30 -16.03 -4.36
N LEU B 4 16.73 -14.91 -3.94
CA LEU B 4 17.08 -14.26 -2.67
C LEU B 4 15.94 -14.41 -1.69
N THR B 5 16.22 -14.97 -0.51
CA THR B 5 15.22 -15.17 0.54
C THR B 5 15.57 -14.36 1.78
N GLN B 6 14.68 -13.45 2.16
CA GLN B 6 14.90 -12.64 3.35
C GLN B 6 14.19 -13.26 4.54
N SER B 7 14.71 -12.97 5.73
CA SER B 7 14.01 -13.34 6.95
C SER B 7 14.35 -12.35 8.05
N PRO B 8 13.43 -12.12 9.00
CA PRO B 8 12.07 -12.64 8.96
C PRO B 8 11.23 -11.86 7.96
N ASP B 9 9.97 -12.25 7.79
CA ASP B 9 9.09 -11.49 6.91
C ASP B 9 8.72 -10.16 7.52
N SER B 10 8.65 -10.08 8.84
CA SER B 10 8.38 -8.83 9.52
C SER B 10 9.01 -8.86 10.90
N LEU B 11 9.36 -7.69 11.39
CA LEU B 11 10.10 -7.48 12.61
C LEU B 11 9.53 -6.24 13.27
N ALA B 12 9.30 -6.29 14.58
CA ALA B 12 8.88 -5.13 15.37
C ALA B 12 10.04 -4.78 16.30
N VAL B 13 10.49 -3.53 16.22
CA VAL B 13 11.65 -3.06 16.95
C VAL B 13 11.32 -1.83 17.76
N THR B 14 11.78 -1.82 19.02
CA THR B 14 11.60 -0.69 19.90
C THR B 14 12.52 0.44 19.46
N LEU B 15 12.00 1.66 19.47
CA LEU B 15 12.82 2.81 19.10
C LEU B 15 14.11 2.84 19.91
N GLY B 16 15.22 3.11 19.22
CA GLY B 16 16.53 3.14 19.85
C GLY B 16 17.23 1.80 19.89
N GLU B 17 16.55 0.70 19.57
CA GLU B 17 17.12 -0.63 19.64
C GLU B 17 17.57 -1.04 18.25
N THR B 18 18.10 -2.25 18.15
CA THR B 18 18.72 -2.73 16.92
C THR B 18 17.84 -3.73 16.20
N ALA B 19 17.77 -3.60 14.88
CA ALA B 19 17.05 -4.49 14.00
C ALA B 19 18.08 -5.20 13.12
N THR B 20 17.86 -6.49 12.87
CA THR B 20 18.71 -7.24 11.95
C THR B 20 17.85 -8.00 10.97
N ILE B 21 18.11 -7.80 9.69
CA ILE B 21 17.38 -8.43 8.59
C ILE B 21 18.37 -9.33 7.86
N THR B 22 17.92 -10.50 7.44
CA THR B 22 18.79 -11.46 6.76
C THR B 22 18.38 -11.61 5.31
N CYS B 23 19.39 -11.87 4.47
CA CYS B 23 19.21 -12.18 3.05
C CYS B 23 20.09 -13.39 2.77
N ARG B 24 19.49 -14.46 2.28
CA ARG B 24 20.23 -15.63 1.83
C ARG B 24 20.05 -15.82 0.33
N SER B 25 21.15 -15.97 -0.38
CA SER B 25 21.14 -16.20 -1.81
C SER B 25 21.27 -17.69 -2.12
N SER B 26 20.50 -18.15 -3.11
CA SER B 26 20.56 -19.55 -3.54
C SER B 26 21.86 -19.89 -4.26
N ARG B 27 22.64 -18.89 -4.67
CA ARG B 27 23.92 -19.15 -5.32
C ARG B 27 24.92 -18.10 -4.88
N ASN B 28 26.17 -18.53 -4.76
CA ASN B 28 27.24 -17.64 -4.30
C ASN B 28 27.29 -16.39 -5.16
N ILE B 29 27.48 -15.23 -4.49
CA ILE B 29 27.63 -13.96 -5.21
C ILE B 29 28.88 -13.24 -4.75
N LEU B 30 29.83 -13.98 -4.20
CA LEU B 30 31.18 -13.49 -3.95
C LEU B 30 32.06 -13.81 -5.14
N HIS B 31 32.68 -12.79 -5.72
CA HIS B 31 33.57 -13.00 -6.86
C HIS B 31 34.99 -13.15 -6.33
N SER B 32 35.61 -14.32 -6.60
CA SER B 32 36.93 -14.62 -6.06
C SER B 32 37.97 -13.62 -6.50
N LEU B 33 37.85 -13.10 -7.71
CA LEU B 33 38.94 -12.37 -8.34
C LEU B 33 39.13 -10.99 -7.71
N ASN B 34 38.04 -10.36 -7.26
CA ASN B 34 38.08 -9.03 -6.65
C ASN B 34 37.58 -9.01 -5.22
N ASN B 35 37.20 -10.17 -4.68
CA ASN B 35 36.77 -10.31 -3.30
C ASN B 35 35.56 -9.43 -2.99
N LYS B 36 34.70 -9.20 -3.99
CA LYS B 36 33.52 -8.39 -3.79
C LYS B 36 32.26 -9.25 -3.81
N ASN B 37 31.27 -8.82 -3.04
CA ASN B 37 29.94 -9.41 -3.00
C ASN B 37 28.97 -8.50 -3.72
N TYR B 38 28.25 -9.06 -4.70
CA TYR B 38 27.44 -8.26 -5.63
C TYR B 38 26.01 -8.12 -5.13
N LEU B 39 25.87 -7.46 -3.97
CA LEU B 39 24.60 -7.35 -3.28
C LEU B 39 24.33 -5.91 -2.85
N ALA B 40 23.09 -5.46 -3.05
CA ALA B 40 22.65 -4.12 -2.63
C ALA B 40 21.46 -4.23 -1.70
N TRP B 41 21.29 -3.21 -0.83
CA TRP B 41 20.12 -3.08 0.02
C TRP B 41 19.37 -1.80 -0.26
N TYR B 42 18.03 -1.87 -0.15
CA TYR B 42 17.12 -0.79 -0.42
C TYR B 42 16.13 -0.65 0.74
N GLN B 43 15.67 0.58 0.94
CA GLN B 43 14.66 0.91 1.93
C GLN B 43 13.44 1.49 1.23
N GLN B 44 12.27 0.98 1.55
CA GLN B 44 11.03 1.49 0.96
C GLN B 44 10.07 1.89 2.07
N ARG B 45 9.96 3.19 2.26
CA ARG B 45 8.98 3.77 3.18
C ARG B 45 7.60 3.73 2.56
N PRO B 46 6.57 3.75 3.37
CA PRO B 46 5.20 3.63 2.84
C PRO B 46 4.89 4.68 1.78
N GLY B 47 4.37 4.22 0.63
CA GLY B 47 3.99 5.13 -0.45
C GLY B 47 5.12 5.74 -1.24
N GLN B 48 6.37 5.37 -0.98
CA GLN B 48 7.52 5.93 -1.67
C GLN B 48 8.18 4.85 -2.50
N ALA B 49 9.04 5.27 -3.40
CA ALA B 49 9.89 4.34 -4.11
C ALA B 49 10.99 3.82 -3.21
N PRO B 50 11.53 2.65 -3.53
CA PRO B 50 12.74 2.19 -2.84
C PRO B 50 13.86 3.21 -2.99
N LYS B 51 14.72 3.23 -1.98
CA LYS B 51 15.92 4.05 -1.94
C LYS B 51 17.11 3.15 -1.69
N LEU B 52 18.16 3.32 -2.49
CA LEU B 52 19.37 2.54 -2.32
C LEU B 52 20.13 2.96 -1.07
N LEU B 53 20.54 1.98 -0.26
CA LEU B 53 21.28 2.26 0.96
C LEU B 53 22.71 1.77 0.96
N VAL B 54 22.92 0.55 0.47
CA VAL B 54 24.21 -0.15 0.57
C VAL B 54 24.46 -0.80 -0.78
N ILE B 55 25.73 -0.82 -1.20
CA ILE B 55 26.20 -1.56 -2.36
C ILE B 55 27.40 -2.38 -1.91
N TRP B 56 27.78 -3.34 -2.75
CA TRP B 56 28.89 -4.27 -2.46
C TRP B 56 28.77 -4.89 -1.07
N ALA B 57 27.53 -5.17 -0.69
CA ALA B 57 27.15 -5.78 0.58
C ALA B 57 27.42 -4.95 1.82
N SER B 58 28.47 -4.14 1.82
CA SER B 58 28.82 -3.43 3.04
C SER B 58 29.14 -1.96 2.85
N MET B 59 29.14 -1.45 1.63
CA MET B 59 29.55 -0.07 1.37
C MET B 59 28.30 0.82 1.36
N ARG B 60 28.18 1.69 2.37
CA ARG B 60 27.07 2.64 2.40
C ARG B 60 27.24 3.64 1.27
N VAL B 61 26.14 3.98 0.62
CA VAL B 61 26.19 4.98 -0.41
C VAL B 61 26.17 6.36 0.23
N SER B 62 26.54 7.38 -0.54
CA SER B 62 26.65 8.72 -0.02
C SER B 62 25.34 9.16 0.61
N GLY B 63 25.44 9.76 1.80
CA GLY B 63 24.30 10.25 2.53
C GLY B 63 23.78 9.31 3.60
N VAL B 64 24.13 8.03 3.56
CA VAL B 64 23.55 7.03 4.45
C VAL B 64 24.34 7.02 5.76
N ALA B 65 23.64 7.14 6.87
CA ALA B 65 24.26 7.19 8.20
C ALA B 65 24.79 5.83 8.63
N ASP B 66 25.75 5.87 9.55
CA ASP B 66 26.40 4.66 10.05
C ASP B 66 25.43 3.70 10.74
N ARG B 67 24.29 4.16 11.22
CA ARG B 67 23.37 3.21 11.86
C ARG B 67 22.85 2.13 10.89
N PHE B 68 23.01 2.32 9.57
CA PHE B 68 22.68 1.27 8.59
C PHE B 68 23.97 0.54 8.23
N SER B 69 24.06 -0.74 8.60
CA SER B 69 25.30 -1.51 8.38
C SER B 69 24.99 -2.80 7.62
N GLY B 70 25.64 -2.99 6.47
CA GLY B 70 25.50 -4.21 5.71
C GLY B 70 26.68 -5.14 5.96
N SER B 71 26.41 -6.44 5.98
CA SER B 71 27.46 -7.41 6.28
C SER B 71 27.14 -8.72 5.60
N GLY B 72 28.06 -9.67 5.72
CA GLY B 72 27.88 -11.00 5.15
C GLY B 72 28.79 -11.22 3.96
N SER B 73 28.78 -12.47 3.50
CA SER B 73 29.65 -12.87 2.41
C SER B 73 29.12 -14.14 1.75
N GLY B 74 29.41 -14.28 0.46
CA GLY B 74 29.09 -15.51 -0.26
C GLY B 74 27.60 -15.67 -0.51
N THR B 75 26.90 -16.30 0.44
CA THR B 75 25.46 -16.48 0.29
C THR B 75 24.63 -15.94 1.43
N ASP B 76 25.24 -15.55 2.56
CA ASP B 76 24.50 -15.11 3.73
C ASP B 76 24.85 -13.66 4.05
N PHE B 77 23.85 -12.78 4.02
CA PHE B 77 24.01 -11.34 4.19
C PHE B 77 23.03 -10.84 5.22
N ALA B 78 23.36 -9.68 5.78
CA ALA B 78 22.47 -9.08 6.77
C ALA B 78 22.55 -7.56 6.66
N LEU B 79 21.43 -6.92 6.96
CA LEU B 79 21.35 -5.48 7.16
C LEU B 79 21.01 -5.28 8.63
N THR B 80 21.82 -4.53 9.33
CA THR B 80 21.60 -4.20 10.74
C THR B 80 21.31 -2.72 10.87
N ILE B 81 20.21 -2.38 11.51
CA ILE B 81 19.85 -0.99 11.77
C ILE B 81 19.99 -0.78 13.26
N SER B 82 20.97 -0.02 13.67
CA SER B 82 21.13 0.27 15.09
C SER B 82 20.39 1.58 15.40
N SER B 83 20.09 1.78 16.68
CA SER B 83 19.39 2.97 17.14
C SER B 83 18.19 3.30 16.22
N LEU B 84 17.25 2.37 16.16
CA LEU B 84 16.15 2.50 15.23
C LEU B 84 15.37 3.79 15.48
N GLN B 85 15.09 4.53 14.42
CA GLN B 85 14.33 5.78 14.47
C GLN B 85 12.97 5.61 13.78
N PRO B 86 12.02 6.50 14.06
CA PRO B 86 10.67 6.32 13.51
C PRO B 86 10.67 6.23 12.00
N GLU B 87 11.53 7.02 11.35
CA GLU B 87 11.58 7.02 9.89
C GLU B 87 12.20 5.76 9.30
N ASP B 88 12.73 4.87 10.15
CA ASP B 88 13.32 3.62 9.66
C ASP B 88 12.27 2.52 9.49
N ALA B 89 11.05 2.74 9.93
CA ALA B 89 9.97 1.83 9.64
C ALA B 89 9.70 1.85 8.15
N ALA B 90 9.85 0.68 7.55
CA ALA B 90 9.92 0.55 6.09
C ALA B 90 10.00 -0.92 5.78
N VAL B 91 9.92 -1.23 4.48
CA VAL B 91 10.22 -2.54 3.95
C VAL B 91 11.62 -2.49 3.35
N TYR B 92 12.47 -3.43 3.72
CA TYR B 92 13.86 -3.46 3.26
C TYR B 92 14.01 -4.62 2.30
N TYR B 93 14.73 -4.38 1.19
CA TYR B 93 14.92 -5.38 0.13
C TYR B 93 16.39 -5.55 -0.16
N CYS B 94 16.82 -6.78 -0.34
CA CYS B 94 18.11 -7.02 -0.97
C CYS B 94 17.97 -7.23 -2.48
N GLN B 95 19.08 -7.08 -3.19
CA GLN B 95 19.12 -7.19 -4.64
C GLN B 95 20.52 -7.64 -5.01
N HIS B 96 20.64 -8.65 -5.85
CA HIS B 96 21.96 -9.02 -6.34
C HIS B 96 22.15 -8.45 -7.74
N TYR B 97 23.42 -8.20 -8.10
CA TYR B 97 23.85 -7.86 -9.46
C TYR B 97 25.06 -8.70 -9.87
N TYR B 98 25.07 -9.98 -9.46
CA TYR B 98 26.09 -10.92 -9.86
C TYR B 98 25.90 -11.42 -11.29
N THR B 99 24.67 -11.36 -11.81
CA THR B 99 24.41 -11.72 -13.19
C THR B 99 23.67 -10.58 -13.87
N THR B 100 23.41 -10.75 -15.17
CA THR B 100 22.63 -9.77 -15.91
C THR B 100 21.14 -9.86 -15.60
N HIS B 101 20.68 -10.90 -14.91
CA HIS B 101 19.28 -10.97 -14.50
C HIS B 101 19.19 -10.64 -13.00
N ARG B 102 19.06 -9.36 -12.69
CA ARG B 102 18.95 -8.96 -11.30
C ARG B 102 17.59 -9.32 -10.69
N THR B 103 17.62 -9.80 -9.46
CA THR B 103 16.41 -10.07 -8.69
C THR B 103 16.54 -9.52 -7.28
N PHE B 104 15.38 -9.35 -6.64
CA PHE B 104 15.24 -8.80 -5.30
C PHE B 104 14.75 -9.90 -4.36
N GLY B 105 15.06 -9.77 -3.10
CA GLY B 105 14.37 -10.55 -2.10
C GLY B 105 12.93 -10.06 -1.94
N GLN B 106 12.15 -10.81 -1.15
CA GLN B 106 10.73 -10.54 -1.04
C GLN B 106 10.40 -9.38 -0.11
N GLY B 107 11.37 -8.91 0.65
CA GLY B 107 11.21 -7.79 1.55
C GLY B 107 11.01 -8.24 2.98
N THR B 108 11.49 -7.41 3.91
CA THR B 108 11.27 -7.56 5.34
C THR B 108 10.65 -6.26 5.85
N ARG B 109 9.48 -6.35 6.42
CA ARG B 109 8.82 -5.16 6.95
C ARG B 109 9.27 -4.95 8.40
N VAL B 110 9.80 -3.76 8.66
CA VAL B 110 10.20 -3.32 9.98
C VAL B 110 9.18 -2.31 10.46
N GLU B 111 8.56 -2.60 11.61
CA GLU B 111 7.61 -1.70 12.25
C GLU B 111 8.09 -1.31 13.62
N ILE B 112 7.46 -0.27 14.17
CA ILE B 112 7.83 0.21 15.49
C ILE B 112 7.10 -0.61 16.55
N ARG B 113 7.85 -1.15 17.51
CA ARG B 113 7.27 -1.91 18.62
C ARG B 113 6.80 -0.99 19.73
N ARG B 114 5.67 -1.36 20.36
CA ARG B 114 5.18 -0.60 21.50
C ARG B 114 4.42 -1.56 22.40
N THR B 115 4.00 -1.07 23.56
CA THR B 115 3.27 -1.94 24.48
C THR B 115 1.84 -2.17 23.93
N VAL B 116 1.34 -3.38 24.18
CA VAL B 116 0.00 -3.76 23.72
C VAL B 116 -1.03 -2.70 24.05
N ALA B 117 -1.90 -2.40 23.09
CA ALA B 117 -3.03 -1.49 23.27
C ALA B 117 -4.26 -2.18 22.69
N ALA B 118 -5.31 -2.29 23.48
CA ALA B 118 -6.51 -2.94 23.04
C ALA B 118 -7.26 -2.03 22.09
N PRO B 119 -7.97 -2.61 21.12
CA PRO B 119 -8.81 -1.77 20.24
C PRO B 119 -10.04 -1.27 20.96
N SER B 120 -10.42 -0.05 20.65
CA SER B 120 -11.78 0.44 20.92
C SER B 120 -12.66 -0.05 19.77
N VAL B 121 -13.81 -0.63 20.07
CA VAL B 121 -14.59 -1.30 19.04
C VAL B 121 -15.93 -0.59 18.87
N PHE B 122 -16.31 -0.35 17.61
CA PHE B 122 -17.52 0.38 17.27
C PHE B 122 -18.24 -0.39 16.16
N ILE B 123 -19.58 -0.43 16.21
CA ILE B 123 -20.37 -1.03 15.15
C ILE B 123 -21.34 0.01 14.58
N PHE B 124 -21.46 0.02 13.25
CA PHE B 124 -22.36 0.91 12.52
C PHE B 124 -23.37 0.12 11.70
N PRO B 125 -24.66 0.28 11.95
CA PRO B 125 -25.66 -0.30 11.03
C PRO B 125 -25.62 0.37 9.68
N PRO B 126 -26.21 -0.26 8.66
CA PRO B 126 -26.37 0.43 7.39
C PRO B 126 -27.26 1.64 7.55
N SER B 127 -26.97 2.65 6.75
CA SER B 127 -27.79 3.84 6.71
C SER B 127 -29.09 3.56 5.97
N ASP B 128 -30.14 4.28 6.32
CA ASP B 128 -31.39 4.18 5.57
C ASP B 128 -31.17 4.53 4.10
N GLU B 129 -30.30 5.51 3.82
CA GLU B 129 -29.99 5.88 2.44
C GLU B 129 -29.52 4.65 1.65
N GLN B 130 -28.56 3.90 2.21
CA GLN B 130 -28.05 2.73 1.52
C GLN B 130 -29.14 1.67 1.32
N LEU B 131 -29.90 1.40 2.37
CA LEU B 131 -30.95 0.38 2.29
C LEU B 131 -31.91 0.67 1.16
N LYS B 132 -32.24 1.95 0.93
CA LYS B 132 -33.07 2.31 -0.23
C LYS B 132 -32.51 1.71 -1.51
N SER B 133 -31.19 1.74 -1.69
CA SER B 133 -30.58 1.30 -2.93
C SER B 133 -30.50 -0.21 -3.07
N GLY B 134 -30.93 -0.97 -2.05
CA GLY B 134 -30.97 -2.42 -2.15
C GLY B 134 -29.81 -3.17 -1.54
N THR B 135 -28.92 -2.50 -0.82
CA THR B 135 -27.76 -3.14 -0.20
C THR B 135 -27.64 -2.69 1.24
N ALA B 136 -27.01 -3.53 2.05
CA ALA B 136 -26.77 -3.24 3.45
C ALA B 136 -25.31 -3.52 3.78
N SER B 137 -24.56 -2.49 4.12
CA SER B 137 -23.20 -2.64 4.63
C SER B 137 -23.19 -2.37 6.13
N VAL B 138 -22.65 -3.32 6.89
CA VAL B 138 -22.45 -3.16 8.33
C VAL B 138 -20.95 -3.05 8.58
N VAL B 139 -20.55 -2.04 9.34
CA VAL B 139 -19.12 -1.73 9.51
C VAL B 139 -18.76 -1.92 10.98
N CYS B 140 -17.70 -2.68 11.21
CA CYS B 140 -17.09 -2.83 12.53
C CYS B 140 -15.72 -2.15 12.49
N LEU B 141 -15.50 -1.23 13.41
CA LEU B 141 -14.26 -0.48 13.50
C LEU B 141 -13.49 -0.91 14.74
N LEU B 142 -12.21 -1.22 14.58
CA LEU B 142 -11.28 -1.48 15.67
C LEU B 142 -10.27 -0.35 15.62
N ASN B 143 -10.27 0.48 16.65
CA ASN B 143 -9.47 1.69 16.59
C ASN B 143 -8.28 1.69 17.53
N ASN B 144 -7.13 2.09 16.99
CA ASN B 144 -5.93 2.43 17.72
C ASN B 144 -5.47 1.30 18.64
N PHE B 145 -5.09 0.17 18.03
CA PHE B 145 -4.63 -1.01 18.75
C PHE B 145 -3.22 -1.38 18.29
N TYR B 146 -2.58 -2.23 19.09
CA TYR B 146 -1.25 -2.78 18.88
C TYR B 146 -1.12 -4.07 19.67
N PRO B 147 -0.61 -5.15 19.08
CA PRO B 147 -0.06 -5.24 17.73
C PRO B 147 -1.16 -5.41 16.66
N ARG B 148 -0.68 -5.52 15.42
CA ARG B 148 -1.55 -5.50 14.26
C ARG B 148 -2.49 -6.69 14.22
N GLU B 149 -2.09 -7.80 14.80
CA GLU B 149 -2.83 -9.03 14.70
C GLU B 149 -4.12 -8.92 15.50
N ALA B 150 -5.23 -9.24 14.86
CA ALA B 150 -6.57 -9.16 15.43
C ALA B 150 -7.45 -10.10 14.64
N LYS B 151 -8.48 -10.63 15.30
CA LYS B 151 -9.45 -11.48 14.64
C LYS B 151 -10.83 -10.87 14.85
N VAL B 152 -11.55 -10.69 13.75
CA VAL B 152 -12.88 -10.12 13.74
C VAL B 152 -13.81 -11.13 13.11
N GLN B 153 -14.91 -11.43 13.80
CA GLN B 153 -15.85 -12.42 13.31
C GLN B 153 -17.22 -11.80 13.35
N TRP B 154 -17.96 -11.97 12.27
CA TRP B 154 -19.34 -11.53 12.22
C TRP B 154 -20.31 -12.64 12.60
N LYS B 155 -21.30 -12.32 13.44
CA LYS B 155 -22.37 -13.24 13.77
C LYS B 155 -23.69 -12.52 13.52
N VAL B 156 -24.56 -13.19 12.76
CA VAL B 156 -25.90 -12.70 12.44
C VAL B 156 -26.92 -13.68 13.02
N ASP B 157 -27.71 -13.21 13.99
CA ASP B 157 -28.57 -14.09 14.79
C ASP B 157 -27.81 -15.33 15.25
N ASN B 158 -26.61 -15.06 15.77
CA ASN B 158 -25.64 -16.02 16.32
C ASN B 158 -25.10 -17.04 15.30
N ALA B 159 -25.20 -16.76 14.01
CA ALA B 159 -24.57 -17.60 12.99
C ALA B 159 -23.31 -16.92 12.47
N LEU B 160 -22.18 -17.61 12.63
CA LEU B 160 -20.91 -17.11 12.12
C LEU B 160 -20.98 -16.97 10.61
N GLN B 161 -20.56 -15.80 10.14
CA GLN B 161 -20.58 -15.48 8.73
C GLN B 161 -19.24 -15.81 8.11
N SER B 162 -19.27 -16.17 6.83
CA SER B 162 -18.03 -16.44 6.09
C SER B 162 -18.21 -16.01 4.65
N GLY B 163 -17.23 -15.28 4.13
CA GLY B 163 -17.17 -14.97 2.72
C GLY B 163 -17.90 -13.72 2.30
N ASN B 164 -18.55 -13.03 3.23
CA ASN B 164 -19.32 -11.83 2.92
C ASN B 164 -18.82 -10.61 3.68
N SER B 165 -17.56 -10.64 4.11
CA SER B 165 -16.95 -9.46 4.71
C SER B 165 -15.55 -9.25 4.16
N GLN B 166 -15.13 -7.98 4.19
CA GLN B 166 -13.76 -7.65 3.80
C GLN B 166 -13.17 -6.73 4.86
N GLU B 167 -11.86 -6.87 5.08
CA GLU B 167 -11.13 -6.07 6.06
C GLU B 167 -10.15 -5.14 5.37
N SER B 168 -9.88 -4.01 6.04
CA SER B 168 -8.79 -3.11 5.68
C SER B 168 -8.08 -2.61 6.93
N VAL B 169 -6.75 -2.47 6.85
CA VAL B 169 -5.94 -2.01 7.97
C VAL B 169 -5.12 -0.81 7.55
N THR B 170 -4.98 0.14 8.46
CA THR B 170 -4.17 1.30 8.19
C THR B 170 -2.70 0.96 8.28
N GLU B 171 -1.88 1.85 7.71
CA GLU B 171 -0.47 1.87 8.08
C GLU B 171 -0.32 2.21 9.55
N GLN B 172 0.82 1.81 10.12
CA GLN B 172 1.11 2.19 11.49
C GLN B 172 1.07 3.72 11.64
N ASP B 173 0.36 4.18 12.66
CA ASP B 173 0.25 5.62 12.91
C ASP B 173 1.61 6.22 13.25
N SER B 174 1.93 7.35 12.59
CA SER B 174 3.26 7.94 12.77
C SER B 174 3.53 8.32 14.22
N LYS B 175 2.51 8.73 14.96
CA LYS B 175 2.71 9.29 16.29
C LYS B 175 2.59 8.25 17.40
N ASP B 176 1.48 7.48 17.44
CA ASP B 176 1.29 6.56 18.55
C ASP B 176 1.60 5.12 18.16
N SER B 177 1.95 4.89 16.89
CA SER B 177 2.40 3.58 16.45
C SER B 177 1.31 2.51 16.51
N THR B 178 0.04 2.93 16.55
CA THR B 178 -1.05 1.97 16.54
C THR B 178 -1.57 1.73 15.13
N TYR B 179 -2.50 0.79 15.06
CA TYR B 179 -3.21 0.43 13.86
C TYR B 179 -4.70 0.64 14.10
N SER B 180 -5.44 0.80 13.00
CA SER B 180 -6.89 0.70 13.03
C SER B 180 -7.30 -0.23 11.90
N LEU B 181 -8.46 -0.85 12.06
CA LEU B 181 -8.92 -1.86 11.10
C LEU B 181 -10.42 -1.71 10.95
N SER B 182 -10.89 -1.83 9.71
CA SER B 182 -12.32 -1.86 9.42
C SER B 182 -12.67 -3.25 8.91
N SER B 183 -13.83 -3.75 9.32
CA SER B 183 -14.36 -4.97 8.73
C SER B 183 -15.77 -4.60 8.28
N THR B 184 -16.09 -4.88 7.02
CA THR B 184 -17.38 -4.53 6.43
C THR B 184 -18.10 -5.79 5.98
N LEU B 185 -19.30 -6.00 6.53
CA LEU B 185 -20.20 -7.09 6.14
C LEU B 185 -21.18 -6.56 5.10
N THR B 186 -21.25 -7.22 3.94
CA THR B 186 -22.15 -6.78 2.87
C THR B 186 -23.23 -7.81 2.58
N LEU B 187 -24.50 -7.38 2.65
CA LEU B 187 -25.65 -8.23 2.43
C LEU B 187 -26.63 -7.52 1.50
N SER B 188 -27.50 -8.28 0.86
CA SER B 188 -28.62 -7.68 0.17
C SER B 188 -29.58 -7.13 1.22
N LYS B 189 -30.37 -6.13 0.80
CA LYS B 189 -31.38 -5.58 1.71
C LYS B 189 -32.33 -6.67 2.18
N ALA B 190 -32.73 -7.56 1.28
CA ALA B 190 -33.62 -8.68 1.63
C ALA B 190 -33.00 -9.56 2.71
N ASP B 191 -31.75 -9.95 2.53
CA ASP B 191 -31.08 -10.79 3.52
C ASP B 191 -30.92 -10.05 4.84
N TYR B 192 -30.57 -8.76 4.77
CA TYR B 192 -30.37 -7.99 6.00
C TYR B 192 -31.66 -8.01 6.84
N GLU B 193 -32.79 -7.92 6.17
CA GLU B 193 -34.07 -7.79 6.86
C GLU B 193 -34.59 -9.12 7.36
N LYS B 194 -33.93 -10.23 7.01
CA LYS B 194 -34.33 -11.53 7.55
C LYS B 194 -33.82 -11.77 8.96
N HIS B 195 -33.02 -10.87 9.53
CA HIS B 195 -32.38 -11.16 10.80
C HIS B 195 -32.40 -9.94 11.72
N LYS B 196 -32.26 -10.22 13.01
CA LYS B 196 -32.37 -9.18 14.01
C LYS B 196 -31.02 -8.77 14.59
N VAL B 197 -30.21 -9.70 15.07
CA VAL B 197 -29.02 -9.38 15.86
C VAL B 197 -27.79 -9.41 14.95
N TYR B 198 -27.11 -8.27 14.86
CA TYR B 198 -25.87 -8.14 14.09
C TYR B 198 -24.73 -7.86 15.03
N ALA B 199 -23.71 -8.70 15.02
CA ALA B 199 -22.64 -8.59 16.01
C ALA B 199 -21.28 -8.80 15.37
N CYS B 200 -20.29 -8.00 15.80
CA CYS B 200 -18.89 -8.28 15.47
C CYS B 200 -18.16 -8.61 16.76
N GLU B 201 -17.42 -9.72 16.73
CA GLU B 201 -16.69 -10.23 17.88
C GLU B 201 -15.20 -10.10 17.60
N VAL B 202 -14.50 -9.43 18.51
CA VAL B 202 -13.11 -9.06 18.31
C VAL B 202 -12.24 -9.79 19.33
N THR B 203 -11.18 -10.40 18.84
CA THR B 203 -10.15 -11.05 19.66
C THR B 203 -8.85 -10.29 19.43
N HIS B 204 -8.17 -9.95 20.53
CA HIS B 204 -6.92 -9.21 20.42
C HIS B 204 -6.09 -9.45 21.67
N GLN B 205 -4.77 -9.52 21.50
CA GLN B 205 -3.89 -9.78 22.64
C GLN B 205 -4.19 -8.85 23.80
N GLY B 206 -4.58 -7.61 23.51
CA GLY B 206 -4.94 -6.65 24.53
C GLY B 206 -6.26 -6.89 25.23
N LEU B 207 -7.05 -7.86 24.78
CA LEU B 207 -8.34 -8.15 25.40
C LEU B 207 -8.31 -9.48 26.14
N SER B 208 -8.73 -9.45 27.41
CA SER B 208 -8.77 -10.68 28.21
C SER B 208 -9.65 -11.74 27.56
N SER B 209 -10.80 -11.34 27.03
CA SER B 209 -11.70 -12.24 26.32
C SER B 209 -12.31 -11.43 25.19
N PRO B 210 -12.86 -12.12 24.18
CA PRO B 210 -13.41 -11.39 23.03
C PRO B 210 -14.45 -10.36 23.43
N VAL B 211 -14.42 -9.24 22.72
CA VAL B 211 -15.36 -8.15 22.88
C VAL B 211 -16.37 -8.23 21.74
N THR B 212 -17.65 -8.18 22.08
CA THR B 212 -18.71 -8.19 21.07
C THR B 212 -19.44 -6.85 21.10
N LYS B 213 -19.58 -6.24 19.93
CA LYS B 213 -20.43 -5.07 19.75
C LYS B 213 -21.59 -5.51 18.87
N SER B 214 -22.81 -5.18 19.27
CA SER B 214 -23.95 -5.62 18.49
C SER B 214 -25.02 -4.55 18.48
N PHE B 215 -25.95 -4.72 17.54
CA PHE B 215 -27.19 -3.97 17.53
C PHE B 215 -28.29 -4.89 17.06
N ASN B 216 -29.51 -4.51 17.38
CA ASN B 216 -30.71 -5.14 16.82
C ASN B 216 -31.22 -4.26 15.70
N ARG B 217 -31.44 -4.86 14.54
CA ARG B 217 -31.93 -4.15 13.38
C ARG B 217 -33.18 -3.38 13.72
N GLY B 218 -33.18 -2.09 13.41
CA GLY B 218 -34.34 -1.24 13.60
C GLY B 218 -34.38 -0.45 14.87
N GLU B 219 -33.36 -0.55 15.71
CA GLU B 219 -33.37 0.11 17.01
C GLU B 219 -32.45 1.33 17.10
C1 GLC C . -1.98 -0.63 4.68
C2 GLC C . -1.17 -0.57 3.39
C3 GLC C . -0.25 -1.80 3.31
C4 GLC C . 0.59 -1.96 4.55
C5 GLC C . -0.33 -1.92 5.76
C6 GLC C . 0.37 -1.96 7.12
O1 GLC C . -2.80 -1.76 4.68
O2 GLC C . -2.03 -0.50 2.29
O3 GLC C . 0.62 -1.71 2.18
O4 GLC C . 1.29 -3.18 4.48
O5 GLC C . -1.07 -0.72 5.72
O6 GLC C . -0.57 -2.05 8.14
H1 GLC C . -2.58 0.28 4.77
H2 GLC C . -0.53 0.32 3.42
H3 GLC C . -0.88 -2.69 3.21
H4 GLC C . 1.32 -1.13 4.60
H5 GLC C . -1.01 -2.77 5.70
H61 GLC C . 0.98 -1.07 7.26
H62 GLC C . 1.04 -2.83 7.17
HO1 GLC C . -2.28 -2.54 4.44
HO2 GLC C . -1.76 -1.14 1.62
HO3 GLC C . 1.33 -2.35 2.28
HO4 GLC C . 0.93 -3.71 3.75
HO6 GLC C . -1.45 -1.86 7.77
#